data_5U6D
#
_entry.id   5U6D
#
_cell.length_a   57.663
_cell.length_b   85.161
_cell.length_c   91.711
_cell.angle_alpha   90.00
_cell.angle_beta   90.00
_cell.angle_gamma   90.00
#
_symmetry.space_group_name_H-M   'P 21 21 21'
#
loop_
_entity.id
_entity.type
_entity.pdbx_description
1 polymer 'Polycomb protein EED'
2 non-polymer 2-[4-(4-{(3S,4R)-4-(dimethylamino)-1-[(2-fluoro-6-methylphenyl)methyl]pyrrolidin-3-yl}phenyl)-1H-pyrazol-1-yl]acetamide
3 water water
#
_entity_poly.entity_id   1
_entity_poly.type   'polypeptide(L)'
_entity_poly.pdbx_seq_one_letter_code
;GSHMKCKYSFKCVNSLKEDHNQPLFGVQFNWHSKEGDPLVFATVGSNRVTLYECHSQGEIRLLQSYVDADADENFYTCAW
TYDSNTSHPLLAVAGSRGIIRIINPITMQCIKHYVGHGNAINELKFHPRDPNLLLSVSKDHALRLWNIQTDTLVAIFGGV
EGHRDEVLSADYDLLGEKIMSCGMDHSLKLWRINSKRMMNAIKESYDYNPNKTNRPFISQKIHFPDFSTRDIHRNYVDCV
RWLGDLILSKSCENAIVCWKPGKMEDDIDKIKPSESNVTILGRFDYSQCDIWYMRFSMDFWQKMLALGNQVGKLYVWDLE
VEDPHKAKCTTLTHHKCGAAIRQTSFSRDSSILIAVCDDASIWRWDRLR
;
_entity_poly.pdbx_strand_id   A
#
loop_
_chem_comp.id
_chem_comp.type
_chem_comp.name
_chem_comp.formula
7XG non-polymer 2-[4-(4-{(3S,4R)-4-(dimethylamino)-1-[(2-fluoro-6-methylphenyl)methyl]pyrrolidin-3-yl}phenyl)-1H-pyrazol-1-yl]acetamide 'C25 H30 F N5 O'
#
# COMPACT_ATOMS: atom_id res chain seq x y z
N PHE A 10 14.30 -14.35 13.08
CA PHE A 10 12.90 -14.10 13.56
C PHE A 10 12.32 -15.31 14.31
N LYS A 11 11.71 -15.06 15.46
CA LYS A 11 10.98 -16.10 16.21
C LYS A 11 9.57 -15.61 16.52
N CYS A 12 8.62 -16.53 16.46
CA CYS A 12 7.23 -16.21 16.73
C CYS A 12 7.02 -16.12 18.24
N VAL A 13 6.61 -14.94 18.70
CA VAL A 13 6.51 -14.63 20.14
C VAL A 13 5.09 -14.47 20.65
N ASN A 14 4.13 -14.24 19.75
CA ASN A 14 2.72 -14.12 20.15
C ASN A 14 1.79 -14.23 18.96
N SER A 15 0.52 -14.47 19.25
CA SER A 15 -0.55 -14.37 18.28
C SER A 15 -1.84 -13.99 18.99
N LEU A 16 -2.78 -13.46 18.22
CA LEU A 16 -4.14 -13.30 18.73
C LEU A 16 -5.13 -13.34 17.57
N LYS A 17 -6.41 -13.27 17.90
CA LYS A 17 -7.46 -13.32 16.90
C LYS A 17 -8.53 -12.30 17.23
N GLU A 18 -8.93 -11.53 16.22
CA GLU A 18 -10.00 -10.54 16.40
C GLU A 18 -11.36 -11.23 16.35
N ASP A 19 -12.31 -10.66 17.10
CA ASP A 19 -13.59 -11.34 17.38
C ASP A 19 -14.57 -11.42 16.20
N HIS A 20 -14.29 -10.68 15.13
CA HIS A 20 -15.18 -10.68 13.95
C HIS A 20 -15.05 -11.91 13.05
N ASN A 21 -13.91 -12.63 13.14
CA ASN A 21 -13.65 -13.85 12.37
C ASN A 21 -13.69 -13.68 10.84
N GLN A 22 -13.43 -12.46 10.37
CA GLN A 22 -13.36 -12.14 8.94
C GLN A 22 -11.91 -11.87 8.58
N PRO A 23 -11.60 -11.86 7.28
CA PRO A 23 -10.21 -11.63 6.89
C PRO A 23 -9.68 -10.28 7.36
N LEU A 24 -8.43 -10.28 7.83
CA LEU A 24 -7.69 -9.03 7.99
C LEU A 24 -6.95 -8.81 6.69
N PHE A 25 -7.33 -7.76 5.97
CA PHE A 25 -6.77 -7.48 4.64
C PHE A 25 -5.54 -6.60 4.69
N GLY A 26 -5.36 -5.88 5.81
CA GLY A 26 -4.27 -4.94 5.92
C GLY A 26 -3.68 -4.83 7.31
N VAL A 27 -2.38 -4.58 7.34
CA VAL A 27 -1.66 -4.28 8.57
C VAL A 27 -0.55 -3.28 8.25
N GLN A 28 -0.40 -2.26 9.11
CA GLN A 28 0.66 -1.26 8.96
C GLN A 28 1.18 -0.79 10.30
N PHE A 29 2.48 -0.97 10.55
CA PHE A 29 3.15 -0.25 11.63
C PHE A 29 3.12 1.26 11.34
N ASN A 30 3.01 2.05 12.42
CA ASN A 30 3.17 3.48 12.33
C ASN A 30 4.66 3.84 12.34
N TRP A 31 5.21 4.10 11.16
CA TRP A 31 6.61 4.52 11.03
C TRP A 31 6.84 6.00 11.40
N HIS A 32 5.77 6.71 11.76
CA HIS A 32 5.88 8.07 12.29
C HIS A 32 5.69 8.12 13.81
N SER A 33 5.80 6.98 14.51
CA SER A 33 5.64 6.99 15.99
C SER A 33 6.82 7.71 16.63
N LYS A 34 6.56 8.44 17.71
CA LYS A 34 7.55 9.34 18.31
C LYS A 34 8.64 8.58 19.06
N GLU A 35 9.83 9.17 19.17
CA GLU A 35 10.92 8.55 19.96
C GLU A 35 10.47 8.32 21.40
N GLY A 36 10.80 7.14 21.94
CA GLY A 36 10.42 6.78 23.30
C GLY A 36 9.01 6.21 23.46
N ASP A 37 8.18 6.26 22.42
CA ASP A 37 6.84 5.65 22.48
C ASP A 37 6.91 4.22 21.98
N PRO A 38 6.03 3.34 22.50
CA PRO A 38 6.05 1.98 22.00
C PRO A 38 5.67 1.90 20.52
N LEU A 39 6.05 0.81 19.88
CA LEU A 39 5.71 0.57 18.49
C LEU A 39 4.24 0.22 18.38
N VAL A 40 3.55 0.79 17.39
CA VAL A 40 2.11 0.63 17.23
C VAL A 40 1.84 0.19 15.80
N PHE A 41 0.93 -0.76 15.63
CA PHE A 41 0.42 -1.10 14.31
C PHE A 41 -1.10 -1.09 14.25
N ALA A 42 -1.63 -0.87 13.04
CA ALA A 42 -3.07 -0.93 12.76
C ALA A 42 -3.39 -2.17 11.93
N THR A 43 -4.55 -2.76 12.19
CA THR A 43 -5.12 -3.82 11.35
C THR A 43 -6.45 -3.35 10.78
N VAL A 44 -6.79 -3.82 9.59
CA VAL A 44 -8.11 -3.56 9.00
C VAL A 44 -8.74 -4.85 8.52
N GLY A 45 -10.01 -5.02 8.85
CA GLY A 45 -10.79 -6.18 8.45
C GLY A 45 -12.21 -5.99 8.94
N SER A 46 -13.14 -6.77 8.40
CA SER A 46 -14.56 -6.53 8.65
C SER A 46 -14.81 -5.06 8.40
N ASN A 47 -15.63 -4.42 9.25
CA ASN A 47 -15.88 -2.98 9.18
C ASN A 47 -15.10 -2.23 10.25
N ARG A 48 -13.88 -2.68 10.57
CA ARG A 48 -13.13 -1.99 11.61
C ARG A 48 -11.66 -1.81 11.35
N VAL A 49 -11.12 -0.90 12.13
CA VAL A 49 -9.68 -0.71 12.20
CA VAL A 49 -9.70 -0.61 12.20
C VAL A 49 -9.33 -0.77 13.67
N THR A 50 -8.23 -1.45 13.98
CA THR A 50 -7.83 -1.65 15.37
C THR A 50 -6.35 -1.32 15.52
N LEU A 51 -6.00 -0.65 16.62
CA LEU A 51 -4.60 -0.37 16.96
C LEU A 51 -4.12 -1.24 18.12
N TYR A 52 -2.87 -1.68 17.99
CA TYR A 52 -2.19 -2.49 18.99
C TYR A 52 -0.81 -1.89 19.27
N GLU A 53 -0.35 -2.04 20.50
CA GLU A 53 1.01 -1.68 20.91
C GLU A 53 1.84 -2.91 21.16
N CYS A 54 3.07 -2.92 20.65
CA CYS A 54 4.02 -4.01 20.91
C CYS A 54 4.84 -3.73 22.17
N HIS A 55 4.84 -4.68 23.09
CA HIS A 55 5.62 -4.61 24.31
C HIS A 55 6.51 -5.83 24.49
N SER A 56 7.34 -5.78 25.53
CA SER A 56 8.29 -6.86 25.81
C SER A 56 7.58 -8.19 26.14
N GLN A 57 8.35 -9.28 26.11
CA GLN A 57 7.83 -10.65 26.27
C GLN A 57 6.70 -10.98 25.29
N GLY A 58 6.78 -10.41 24.08
CA GLY A 58 5.82 -10.68 23.04
C GLY A 58 4.44 -10.07 23.22
N GLU A 59 4.24 -9.23 24.24
CA GLU A 59 2.91 -8.72 24.52
C GLU A 59 2.43 -7.84 23.37
N ILE A 60 1.21 -8.09 22.91
CA ILE A 60 0.51 -7.25 21.94
C ILE A 60 -0.65 -6.63 22.71
N ARG A 61 -0.53 -5.36 23.05
CA ARG A 61 -1.55 -4.68 23.87
C ARG A 61 -2.64 -4.03 23.02
N LEU A 62 -3.89 -4.44 23.23
CA LEU A 62 -5.04 -3.92 22.50
C LEU A 62 -5.37 -2.52 23.00
N LEU A 63 -5.55 -1.58 22.07
CA LEU A 63 -5.88 -0.21 22.42
C LEU A 63 -7.36 0.05 22.14
N GLN A 64 -7.71 0.44 20.92
CA GLN A 64 -9.06 0.89 20.61
C GLN A 64 -9.28 0.76 19.10
N SER A 65 -10.52 0.49 18.73
CA SER A 65 -10.93 0.36 17.34
C SER A 65 -11.81 1.52 16.89
N TYR A 66 -11.83 1.72 15.57
CA TYR A 66 -12.90 2.47 14.92
C TYR A 66 -13.75 1.46 14.19
N VAL A 67 -15.07 1.51 14.43
CA VAL A 67 -16.04 0.60 13.79
C VAL A 67 -16.98 1.43 12.96
N ASP A 68 -17.08 1.09 11.68
CA ASP A 68 -17.92 1.88 10.77
C ASP A 68 -19.40 1.76 11.16
N ALA A 69 -20.12 2.86 11.01
CA ALA A 69 -21.58 2.88 11.22
C ALA A 69 -22.33 1.88 10.34
N ASP A 70 -21.80 1.63 9.13
CA ASP A 70 -22.36 0.66 8.20
C ASP A 70 -21.76 -0.72 8.48
N ALA A 71 -22.61 -1.65 8.91
CA ALA A 71 -22.16 -3.03 9.16
C ALA A 71 -21.68 -3.76 7.90
N ASP A 72 -22.10 -3.28 6.73
CA ASP A 72 -21.68 -3.82 5.42
C ASP A 72 -20.43 -3.17 4.81
N GLU A 73 -19.84 -2.17 5.48
CA GLU A 73 -18.50 -1.68 5.10
C GLU A 73 -17.51 -2.83 5.27
N ASN A 74 -16.54 -2.89 4.37
CA ASN A 74 -15.42 -3.81 4.47
CA ASN A 74 -15.42 -3.83 4.45
C ASN A 74 -14.15 -3.01 4.19
N PHE A 75 -13.39 -2.69 5.25
CA PHE A 75 -12.14 -1.96 5.07
C PHE A 75 -11.10 -2.89 4.46
N TYR A 76 -10.43 -2.39 3.43
CA TYR A 76 -9.43 -3.16 2.69
C TYR A 76 -7.98 -2.70 2.87
N THR A 77 -7.80 -1.47 3.33
CA THR A 77 -6.50 -0.83 3.29
C THR A 77 -6.39 0.26 4.36
N CYS A 78 -5.18 0.46 4.84
CA CYS A 78 -4.90 1.62 5.69
C CYS A 78 -3.50 2.12 5.41
N ALA A 79 -3.26 3.37 5.80
CA ALA A 79 -1.97 4.00 5.62
C ALA A 79 -1.78 5.12 6.63
N TRP A 80 -0.59 5.22 7.19
CA TRP A 80 -0.29 6.24 8.19
C TRP A 80 0.32 7.49 7.56
N THR A 81 -0.01 8.62 8.17
CA THR A 81 0.68 9.87 7.87
C THR A 81 0.76 10.67 9.17
N TYR A 82 1.04 11.95 9.07
CA TYR A 82 0.92 12.83 10.21
C TYR A 82 0.33 14.16 9.79
N ASP A 83 -0.23 14.86 10.76
CA ASP A 83 -0.74 16.20 10.54
C ASP A 83 0.45 17.12 10.30
N SER A 84 0.46 17.82 9.17
CA SER A 84 1.65 18.61 8.79
C SER A 84 1.87 19.85 9.64
N ASN A 85 0.85 20.30 10.37
CA ASN A 85 1.00 21.40 11.31
C ASN A 85 1.35 20.97 12.74
N THR A 86 0.71 19.90 13.23
CA THR A 86 0.86 19.50 14.64
C THR A 86 1.84 18.36 14.89
N SER A 87 2.17 17.61 13.84
CA SER A 87 3.03 16.41 13.91
C SER A 87 2.34 15.15 14.41
N HIS A 88 1.09 15.26 14.85
CA HIS A 88 0.43 14.09 15.42
C HIS A 88 0.09 13.09 14.33
N PRO A 89 0.34 11.79 14.57
CA PRO A 89 -0.01 10.79 13.57
C PRO A 89 -1.50 10.77 13.20
N LEU A 90 -1.75 10.38 11.95
CA LEU A 90 -3.08 10.21 11.40
C LEU A 90 -3.11 8.87 10.68
N LEU A 91 -4.28 8.25 10.63
CA LEU A 91 -4.48 6.97 9.94
C LEU A 91 -5.59 7.11 8.92
N ALA A 92 -5.27 6.82 7.66
CA ALA A 92 -6.28 6.81 6.61
C ALA A 92 -6.73 5.36 6.38
N VAL A 93 -8.04 5.17 6.24
CA VAL A 93 -8.61 3.85 5.97
C VAL A 93 -9.66 3.94 4.86
N ALA A 94 -9.84 2.86 4.12
CA ALA A 94 -10.85 2.80 3.07
C ALA A 94 -11.14 1.37 2.68
N GLY A 95 -12.28 1.19 2.01
CA GLY A 95 -12.65 -0.11 1.50
C GLY A 95 -13.83 -0.12 0.57
N SER A 96 -14.72 -1.10 0.77
CA SER A 96 -15.77 -1.40 -0.20
C SER A 96 -16.74 -0.24 -0.42
N ARG A 97 -17.00 0.59 0.60
CA ARG A 97 -17.92 1.74 0.44
C ARG A 97 -17.33 2.89 -0.40
N GLY A 98 -16.02 2.86 -0.66
CA GLY A 98 -15.38 3.90 -1.44
C GLY A 98 -15.27 5.23 -0.71
N ILE A 99 -15.24 5.15 0.62
CA ILE A 99 -15.08 6.32 1.49
C ILE A 99 -13.70 6.27 2.15
N ILE A 100 -12.91 7.33 1.97
CA ILE A 100 -11.66 7.49 2.68
C ILE A 100 -11.93 8.17 4.01
N ARG A 101 -11.52 7.55 5.10
CA ARG A 101 -11.67 8.15 6.41
C ARG A 101 -10.29 8.48 6.97
N ILE A 102 -10.17 9.69 7.52
CA ILE A 102 -8.98 10.14 8.20
C ILE A 102 -9.30 10.06 9.68
N ILE A 103 -8.62 9.13 10.36
CA ILE A 103 -8.86 8.77 11.74
C ILE A 103 -7.76 9.34 12.63
N ASN A 104 -8.17 9.95 13.74
CA ASN A 104 -7.28 10.37 14.80
C ASN A 104 -6.98 9.11 15.60
N PRO A 105 -5.73 8.60 15.55
CA PRO A 105 -5.48 7.30 16.20
C PRO A 105 -5.53 7.32 17.73
N ILE A 106 -5.41 8.50 18.33
CA ILE A 106 -5.47 8.65 19.78
C ILE A 106 -6.87 8.28 20.26
N THR A 107 -7.87 8.95 19.69
CA THR A 107 -9.26 8.80 20.12
C THR A 107 -10.08 7.89 19.22
N MET A 108 -9.52 7.51 18.07
CA MET A 108 -10.20 6.79 16.99
C MET A 108 -11.42 7.52 16.42
N GLN A 109 -11.44 8.84 16.54
CA GLN A 109 -12.46 9.68 15.91
C GLN A 109 -12.18 9.79 14.43
N CYS A 110 -13.23 9.77 13.62
CA CYS A 110 -13.12 10.13 12.22
C CYS A 110 -13.10 11.66 12.13
N ILE A 111 -11.96 12.21 11.74
CA ILE A 111 -11.77 13.66 11.64
C ILE A 111 -12.48 14.20 10.41
N LYS A 112 -12.32 13.49 9.30
CA LYS A 112 -12.98 13.86 8.05
C LYS A 112 -12.94 12.70 7.09
N HIS A 113 -13.73 12.82 6.02
CA HIS A 113 -13.80 11.76 5.04
C HIS A 113 -13.95 12.30 3.63
N TYR A 114 -13.57 11.49 2.65
CA TYR A 114 -13.59 11.86 1.23
C TYR A 114 -14.30 10.80 0.43
N VAL A 115 -15.00 11.23 -0.60
CA VAL A 115 -15.64 10.31 -1.55
C VAL A 115 -15.26 10.78 -2.94
N GLY A 116 -14.88 9.83 -3.80
CA GLY A 116 -14.64 10.09 -5.22
C GLY A 116 -15.96 9.90 -5.93
N HIS A 117 -16.11 8.76 -6.60
CA HIS A 117 -17.42 8.33 -7.14
C HIS A 117 -18.10 7.24 -6.28
N GLY A 118 -17.48 6.86 -5.16
CA GLY A 118 -18.10 5.93 -4.19
C GLY A 118 -17.96 4.45 -4.52
N ASN A 119 -16.94 4.10 -5.30
CA ASN A 119 -16.64 2.73 -5.69
C ASN A 119 -15.48 2.21 -4.83
N ALA A 120 -15.39 0.90 -4.66
CA ALA A 120 -14.44 0.31 -3.69
C ALA A 120 -13.00 0.83 -3.88
N ILE A 121 -12.35 1.11 -2.76
CA ILE A 121 -10.94 1.51 -2.74
C ILE A 121 -10.12 0.33 -2.26
N ASN A 122 -9.16 -0.09 -3.07
CA ASN A 122 -8.36 -1.28 -2.82
C ASN A 122 -7.01 -1.00 -2.13
N GLU A 123 -6.48 0.20 -2.29
CA GLU A 123 -5.24 0.58 -1.61
C GLU A 123 -5.12 2.09 -1.46
N LEU A 124 -4.51 2.49 -0.34
CA LEU A 124 -4.11 3.85 -0.05
C LEU A 124 -2.60 3.92 0.16
N LYS A 125 -1.96 4.98 -0.37
CA LYS A 125 -0.54 5.25 -0.12
C LYS A 125 -0.32 6.75 0.05
N PHE A 126 0.50 7.12 1.03
CA PHE A 126 0.93 8.50 1.18
C PHE A 126 2.24 8.77 0.44
N HIS A 127 2.33 9.97 -0.11
CA HIS A 127 3.52 10.46 -0.80
C HIS A 127 4.73 10.42 0.16
N PRO A 128 5.91 9.98 -0.33
CA PRO A 128 7.06 9.80 0.59
C PRO A 128 7.66 11.10 1.14
N ARG A 129 7.42 12.23 0.49
CA ARG A 129 7.94 13.53 0.93
C ARG A 129 6.87 14.52 1.42
N ASP A 130 5.61 14.28 1.09
CA ASP A 130 4.55 15.22 1.44
C ASP A 130 3.44 14.44 2.16
N PRO A 131 3.30 14.66 3.47
CA PRO A 131 2.34 13.89 4.23
C PRO A 131 0.86 14.17 3.92
N ASN A 132 0.59 15.24 3.17
CA ASN A 132 -0.77 15.58 2.78
C ASN A 132 -1.26 14.94 1.47
N LEU A 133 -0.36 14.33 0.71
CA LEU A 133 -0.72 13.80 -0.61
C LEU A 133 -1.03 12.30 -0.53
N LEU A 134 -2.31 11.98 -0.68
CA LEU A 134 -2.83 10.63 -0.50
C LEU A 134 -3.32 10.09 -1.84
N LEU A 135 -2.79 8.92 -2.19
CA LEU A 135 -3.16 8.22 -3.41
C LEU A 135 -4.13 7.09 -3.08
N SER A 136 -5.26 7.03 -3.79
CA SER A 136 -6.21 5.93 -3.67
C SER A 136 -6.32 5.22 -5.03
N VAL A 137 -6.53 3.90 -5.00
CA VAL A 137 -6.72 3.13 -6.23
C VAL A 137 -8.03 2.38 -6.11
N SER A 138 -8.78 2.33 -7.20
CA SER A 138 -10.20 2.00 -7.11
C SER A 138 -10.66 0.89 -8.05
N LYS A 139 -11.73 0.24 -7.61
CA LYS A 139 -12.53 -0.69 -8.39
C LYS A 139 -13.07 -0.04 -9.66
N ASP A 140 -13.20 1.28 -9.70
CA ASP A 140 -13.68 1.98 -10.91
C ASP A 140 -12.61 2.24 -11.98
N HIS A 141 -11.44 1.63 -11.82
CA HIS A 141 -10.35 1.59 -12.81
C HIS A 141 -9.43 2.81 -12.71
N ALA A 142 -9.66 3.72 -11.77
CA ALA A 142 -8.89 4.96 -11.68
C ALA A 142 -8.05 5.01 -10.41
N LEU A 143 -7.01 5.84 -10.47
CA LEU A 143 -6.32 6.33 -9.26
C LEU A 143 -6.71 7.78 -9.01
N ARG A 144 -6.70 8.17 -7.75
CA ARG A 144 -7.02 9.53 -7.36
C ARG A 144 -5.96 10.04 -6.39
N LEU A 145 -5.50 11.26 -6.62
CA LEU A 145 -4.57 11.93 -5.72
C LEU A 145 -5.29 13.04 -4.98
N TRP A 146 -5.28 12.95 -3.66
CA TRP A 146 -5.94 13.90 -2.77
C TRP A 146 -4.92 14.73 -2.00
N ASN A 147 -5.28 15.98 -1.72
CA ASN A 147 -4.54 16.81 -0.78
C ASN A 147 -5.40 16.93 0.47
N ILE A 148 -5.00 16.24 1.53
CA ILE A 148 -5.82 16.19 2.75
C ILE A 148 -5.56 17.38 3.69
N GLN A 149 -4.77 18.35 3.25
CA GLN A 149 -4.63 19.62 3.97
C GLN A 149 -5.78 20.54 3.54
N THR A 150 -5.97 20.67 2.23
CA THR A 150 -7.00 21.56 1.67
C THR A 150 -8.27 20.83 1.21
N ASP A 151 -8.32 19.51 1.43
CA ASP A 151 -9.48 18.69 1.11
C ASP A 151 -9.85 18.72 -0.37
N THR A 152 -8.82 18.61 -1.22
CA THR A 152 -9.00 18.73 -2.66
C THR A 152 -8.61 17.45 -3.38
N LEU A 153 -9.37 17.14 -4.42
CA LEU A 153 -8.97 16.12 -5.39
C LEU A 153 -8.04 16.79 -6.41
N VAL A 154 -6.76 16.42 -6.36
CA VAL A 154 -5.75 17.04 -7.23
C VAL A 154 -5.83 16.51 -8.65
N ALA A 155 -5.96 15.19 -8.78
CA ALA A 155 -5.97 14.56 -10.07
C ALA A 155 -6.62 13.16 -10.04
N ILE A 156 -7.16 12.77 -11.19
CA ILE A 156 -7.70 11.44 -11.46
C ILE A 156 -6.88 10.86 -12.61
N PHE A 157 -6.40 9.62 -12.43
CA PHE A 157 -5.56 8.94 -13.42
C PHE A 157 -6.39 7.81 -13.96
N GLY A 158 -6.84 7.94 -15.22
CA GLY A 158 -7.80 7.00 -15.80
C GLY A 158 -7.86 7.12 -17.31
N GLY A 159 -9.07 7.14 -17.87
CA GLY A 159 -9.27 7.25 -19.32
C GLY A 159 -9.16 5.91 -20.02
N VAL A 160 -9.40 5.88 -21.34
CA VAL A 160 -9.37 4.62 -22.05
C VAL A 160 -7.97 4.01 -22.09
N GLU A 161 -6.92 4.85 -22.08
CA GLU A 161 -5.53 4.35 -21.99
C GLU A 161 -5.04 4.11 -20.55
N GLY A 162 -5.88 4.43 -19.58
CA GLY A 162 -5.66 4.00 -18.19
C GLY A 162 -6.04 2.55 -17.99
N HIS A 163 -6.13 2.12 -16.73
CA HIS A 163 -6.55 0.76 -16.43
C HIS A 163 -7.96 0.48 -16.95
N ARG A 164 -8.16 -0.77 -17.36
CA ARG A 164 -9.43 -1.21 -17.95
C ARG A 164 -10.17 -2.19 -17.06
N ASP A 165 -9.71 -2.34 -15.81
CA ASP A 165 -10.38 -3.15 -14.80
C ASP A 165 -9.87 -2.61 -13.44
N GLU A 166 -10.29 -3.22 -12.33
CA GLU A 166 -9.96 -2.69 -10.99
C GLU A 166 -8.48 -2.47 -10.82
N VAL A 167 -8.13 -1.33 -10.24
CA VAL A 167 -6.75 -1.09 -9.84
C VAL A 167 -6.59 -1.71 -8.45
N LEU A 168 -5.54 -2.51 -8.28
CA LEU A 168 -5.32 -3.27 -7.06
C LEU A 168 -4.21 -2.74 -6.19
N SER A 169 -3.22 -2.09 -6.79
CA SER A 169 -2.09 -1.57 -6.04
C SER A 169 -1.43 -0.41 -6.76
N ALA A 170 -0.71 0.41 -5.99
CA ALA A 170 0.16 1.42 -6.56
C ALA A 170 1.26 1.81 -5.58
N ASP A 171 2.31 2.42 -6.10
CA ASP A 171 3.42 2.83 -5.27
C ASP A 171 4.09 4.07 -5.84
N TYR A 172 4.45 4.99 -4.96
CA TYR A 172 5.28 6.12 -5.34
C TYR A 172 6.75 5.69 -5.34
N ASP A 173 7.56 6.28 -6.23
CA ASP A 173 9.01 6.06 -6.20
C ASP A 173 9.61 6.82 -5.01
N LEU A 174 10.93 6.74 -4.88
CA LEU A 174 11.66 7.32 -3.76
C LEU A 174 11.25 8.75 -3.43
N LEU A 175 11.29 9.62 -4.43
CA LEU A 175 11.03 11.05 -4.21
C LEU A 175 9.58 11.46 -4.49
N GLY A 176 8.74 10.52 -4.87
CA GLY A 176 7.35 10.83 -5.19
C GLY A 176 7.23 11.65 -6.46
N GLU A 177 8.12 11.38 -7.40
CA GLU A 177 8.08 11.98 -8.74
C GLU A 177 7.19 11.18 -9.70
N LYS A 178 6.93 9.90 -9.38
CA LYS A 178 6.15 9.04 -10.25
C LYS A 178 5.50 7.90 -9.48
N ILE A 179 4.47 7.33 -10.09
CA ILE A 179 3.66 6.29 -9.50
C ILE A 179 3.67 5.12 -10.49
N MET A 180 3.79 3.89 -9.97
CA MET A 180 3.47 2.68 -10.76
C MET A 180 2.23 2.05 -10.16
N SER A 181 1.26 1.75 -11.02
CA SER A 181 0.00 1.13 -10.61
C SER A 181 -0.16 -0.20 -11.31
N CYS A 182 -1.03 -1.03 -10.77
CA CYS A 182 -1.27 -2.33 -11.36
C CYS A 182 -2.64 -2.86 -10.99
N GLY A 183 -3.16 -3.79 -11.78
CA GLY A 183 -4.46 -4.39 -11.42
C GLY A 183 -4.96 -5.58 -12.22
N MET A 184 -6.29 -5.68 -12.27
CA MET A 184 -6.97 -6.84 -12.80
C MET A 184 -6.87 -6.94 -14.31
N ASP A 185 -6.45 -5.86 -14.98
CA ASP A 185 -6.22 -5.92 -16.43
C ASP A 185 -4.84 -6.50 -16.82
N HIS A 186 -4.09 -7.00 -15.84
CA HIS A 186 -2.78 -7.63 -16.03
C HIS A 186 -1.67 -6.60 -16.26
N SER A 187 -1.99 -5.31 -16.22
CA SER A 187 -1.04 -4.29 -16.62
C SER A 187 -0.40 -3.58 -15.43
N LEU A 188 0.80 -3.07 -15.68
CA LEU A 188 1.50 -2.15 -14.82
C LEU A 188 1.67 -0.85 -15.60
N LYS A 189 1.30 0.26 -14.98
CA LYS A 189 1.29 1.56 -15.64
C LYS A 189 2.03 2.62 -14.81
N LEU A 190 2.82 3.43 -15.50
CA LEU A 190 3.63 4.48 -14.90
C LEU A 190 2.93 5.81 -15.11
N TRP A 191 2.85 6.61 -14.05
CA TRP A 191 2.26 7.94 -14.12
C TRP A 191 3.22 8.93 -13.47
N ARG A 192 3.78 9.85 -14.28
CA ARG A 192 4.70 10.85 -13.74
C ARG A 192 3.90 11.97 -13.10
N ILE A 193 4.28 12.36 -11.88
CA ILE A 193 3.64 13.49 -11.20
C ILE A 193 4.59 14.66 -10.95
N ASN A 194 5.75 14.64 -11.60
CA ASN A 194 6.68 15.76 -11.60
C ASN A 194 6.66 16.51 -12.93
N SER A 195 5.62 16.29 -13.75
CA SER A 195 5.39 17.10 -14.94
C SER A 195 5.08 18.52 -14.51
N LYS A 196 5.28 19.47 -15.41
CA LYS A 196 4.91 20.86 -15.11
C LYS A 196 3.42 20.93 -14.74
N ARG A 197 2.58 20.21 -15.49
CA ARG A 197 1.13 20.18 -15.24
C ARG A 197 0.80 19.70 -13.82
N MET A 198 1.39 18.59 -13.43
CA MET A 198 1.10 18.01 -12.11
C MET A 198 1.72 18.81 -10.96
N MET A 199 2.93 19.33 -11.13
CA MET A 199 3.52 20.18 -10.07
C MET A 199 2.68 21.44 -9.85
N ASN A 200 2.21 22.04 -10.95
CA ASN A 200 1.32 23.19 -10.89
C ASN A 200 0.00 22.85 -10.19
N ALA A 201 -0.56 21.68 -10.51
CA ALA A 201 -1.82 21.23 -9.91
C ALA A 201 -1.68 21.07 -8.39
N ILE A 202 -0.57 20.49 -7.97
CA ILE A 202 -0.30 20.32 -6.54
C ILE A 202 -0.17 21.69 -5.86
N LYS A 203 0.56 22.61 -6.51
CA LYS A 203 0.72 23.96 -5.97
C LYS A 203 -0.63 24.65 -5.82
N GLU A 204 -1.43 24.55 -6.87
CA GLU A 204 -2.77 25.14 -6.85
C GLU A 204 -3.66 24.50 -5.77
N SER A 205 -3.50 23.20 -5.53
CA SER A 205 -4.29 22.53 -4.49
C SER A 205 -4.01 23.12 -3.11
N TYR A 206 -2.76 23.52 -2.88
CA TYR A 206 -2.38 24.18 -1.62
C TYR A 206 -2.87 25.61 -1.50
N ASP A 207 -3.06 26.27 -2.65
CA ASP A 207 -3.58 27.64 -2.68
C ASP A 207 -5.11 27.71 -2.61
N TYR A 208 -5.79 26.56 -2.59
CA TYR A 208 -7.26 26.53 -2.61
C TYR A 208 -7.88 26.59 -1.22
N ASN A 209 -8.72 27.60 -1.01
CA ASN A 209 -9.55 27.69 0.18
C ASN A 209 -10.95 28.08 -0.28
N PRO A 210 -11.92 27.16 -0.17
CA PRO A 210 -13.27 27.42 -0.70
C PRO A 210 -13.98 28.61 -0.04
N ASN A 211 -13.56 28.98 1.17
CA ASN A 211 -14.13 30.15 1.86
C ASN A 211 -13.64 31.49 1.32
N LYS A 212 -12.56 31.48 0.54
CA LYS A 212 -11.94 32.70 0.01
C LYS A 212 -12.10 32.85 -1.50
N THR A 213 -12.91 32.00 -2.12
CA THR A 213 -13.10 32.04 -3.57
C THR A 213 -14.47 31.53 -3.95
N ASN A 214 -14.82 31.72 -5.22
CA ASN A 214 -16.09 31.23 -5.79
C ASN A 214 -15.94 29.96 -6.63
N ARG A 215 -14.72 29.71 -7.11
CA ARG A 215 -14.49 28.57 -7.97
C ARG A 215 -14.48 27.25 -7.20
N PRO A 216 -14.94 26.16 -7.85
CA PRO A 216 -14.61 24.85 -7.35
C PRO A 216 -13.15 24.57 -7.70
N PHE A 217 -12.54 23.60 -7.04
CA PHE A 217 -11.19 23.24 -7.39
C PHE A 217 -11.23 22.28 -8.58
N ILE A 218 -10.49 22.60 -9.63
CA ILE A 218 -10.46 21.78 -10.85
C ILE A 218 -9.42 20.67 -10.67
N SER A 219 -9.87 19.41 -10.79
CA SER A 219 -8.99 18.26 -10.77
C SER A 219 -8.43 18.01 -12.15
N GLN A 220 -7.16 17.60 -12.21
CA GLN A 220 -6.56 17.18 -13.48
C GLN A 220 -7.14 15.85 -13.89
N LYS A 221 -7.43 15.68 -15.18
CA LYS A 221 -7.74 14.34 -15.67
C LYS A 221 -6.55 13.89 -16.49
N ILE A 222 -5.86 12.88 -15.99
CA ILE A 222 -4.65 12.34 -16.60
C ILE A 222 -5.06 11.05 -17.28
N HIS A 223 -5.11 11.06 -18.62
CA HIS A 223 -5.66 9.94 -19.39
C HIS A 223 -4.65 9.08 -20.10
N PHE A 224 -3.36 9.39 -19.93
CA PHE A 224 -2.30 8.69 -20.63
C PHE A 224 -1.15 8.38 -19.69
N PRO A 225 -0.93 7.08 -19.42
CA PRO A 225 0.26 6.74 -18.66
C PRO A 225 1.53 6.99 -19.45
N ASP A 226 2.63 7.16 -18.72
CA ASP A 226 3.95 7.40 -19.30
C ASP A 226 4.68 6.11 -19.71
N PHE A 227 4.09 4.97 -19.36
CA PHE A 227 4.57 3.66 -19.75
C PHE A 227 3.50 2.66 -19.36
N SER A 228 3.38 1.58 -20.14
CA SER A 228 2.46 0.51 -19.82
C SER A 228 2.99 -0.82 -20.29
N THR A 229 2.80 -1.87 -19.49
CA THR A 229 3.14 -3.22 -19.92
C THR A 229 2.16 -4.24 -19.38
N ARG A 230 1.90 -5.27 -20.19
CA ARG A 230 1.20 -6.47 -19.77
C ARG A 230 2.09 -7.70 -19.96
N ASP A 231 3.40 -7.50 -20.07
CA ASP A 231 4.34 -8.58 -20.40
C ASP A 231 5.04 -9.20 -19.20
N ILE A 232 4.72 -8.76 -17.98
CA ILE A 232 5.39 -9.27 -16.78
C ILE A 232 4.65 -10.48 -16.20
N HIS A 233 3.34 -10.33 -16.03
CA HIS A 233 2.49 -11.36 -15.43
C HIS A 233 1.39 -11.75 -16.41
N ARG A 234 0.75 -12.90 -16.14
CA ARG A 234 -0.36 -13.40 -16.97
C ARG A 234 -1.67 -13.53 -16.19
N ASN A 235 -1.83 -12.73 -15.14
CA ASN A 235 -3.05 -12.75 -14.33
C ASN A 235 -3.10 -11.43 -13.54
N TYR A 236 -4.07 -11.31 -12.63
CA TYR A 236 -4.25 -10.07 -11.88
C TYR A 236 -2.96 -9.68 -11.17
N VAL A 237 -2.53 -8.43 -11.35
CA VAL A 237 -1.31 -7.95 -10.70
C VAL A 237 -1.79 -7.23 -9.44
N ASP A 238 -1.46 -7.82 -8.29
CA ASP A 238 -2.10 -7.39 -7.02
C ASP A 238 -1.19 -6.67 -6.02
N CYS A 239 0.08 -6.49 -6.36
CA CYS A 239 1.00 -5.75 -5.50
C CYS A 239 2.20 -5.25 -6.32
N VAL A 240 2.57 -3.99 -6.09
CA VAL A 240 3.70 -3.36 -6.77
C VAL A 240 4.47 -2.47 -5.81
N ARG A 241 5.79 -2.49 -5.91
CA ARG A 241 6.66 -1.60 -5.13
C ARG A 241 7.88 -1.19 -5.97
N TRP A 242 8.27 0.07 -5.89
CA TRP A 242 9.54 0.50 -6.47
C TRP A 242 10.69 -0.04 -5.61
N LEU A 243 11.78 -0.42 -6.27
CA LEU A 243 13.05 -0.71 -5.62
C LEU A 243 14.10 0.13 -6.37
N GLY A 244 14.28 1.36 -5.93
CA GLY A 244 15.05 2.35 -6.67
C GLY A 244 14.34 2.64 -7.98
N ASP A 245 15.06 2.45 -9.08
CA ASP A 245 14.50 2.62 -10.42
C ASP A 245 13.88 1.32 -10.96
N LEU A 246 13.96 0.22 -10.20
CA LEU A 246 13.41 -1.06 -10.61
C LEU A 246 12.04 -1.22 -9.95
N ILE A 247 11.30 -2.23 -10.44
CA ILE A 247 9.98 -2.53 -9.93
C ILE A 247 9.94 -3.97 -9.42
N LEU A 248 9.29 -4.15 -8.27
CA LEU A 248 8.89 -5.47 -7.79
C LEU A 248 7.39 -5.56 -7.94
N SER A 249 6.90 -6.62 -8.58
CA SER A 249 5.46 -6.84 -8.67
C SER A 249 5.13 -8.33 -8.65
N LYS A 250 3.92 -8.64 -8.22
CA LYS A 250 3.43 -10.02 -8.24
C LYS A 250 2.03 -10.14 -8.77
N SER A 251 1.73 -11.36 -9.22
CA SER A 251 0.39 -11.81 -9.52
C SER A 251 0.13 -13.04 -8.64
N CYS A 252 -0.72 -13.95 -9.11
CA CYS A 252 -1.04 -15.17 -8.37
C CYS A 252 -0.32 -16.39 -8.95
N GLU A 253 0.89 -16.17 -9.47
CA GLU A 253 1.65 -17.20 -10.18
C GLU A 253 2.89 -17.64 -9.39
N ASN A 254 2.83 -17.45 -8.07
CA ASN A 254 3.88 -17.89 -7.14
C ASN A 254 5.24 -17.26 -7.42
N ALA A 255 5.21 -15.99 -7.81
CA ALA A 255 6.43 -15.24 -8.13
C ALA A 255 6.28 -13.75 -7.93
N ILE A 256 7.31 -13.15 -7.35
CA ILE A 256 7.54 -11.70 -7.40
C ILE A 256 8.61 -11.48 -8.47
N VAL A 257 8.31 -10.64 -9.45
CA VAL A 257 9.24 -10.36 -10.57
C VAL A 257 9.89 -9.01 -10.33
N CYS A 258 11.21 -8.99 -10.50
CA CYS A 258 11.96 -7.75 -10.47
C CYS A 258 12.25 -7.35 -11.90
N TRP A 259 11.78 -6.17 -12.30
CA TRP A 259 11.87 -5.75 -13.70
C TRP A 259 12.01 -4.24 -13.84
N LYS A 260 12.30 -3.79 -15.06
CA LYS A 260 12.32 -2.36 -15.39
C LYS A 260 11.77 -2.13 -16.77
N PRO A 261 11.16 -0.95 -16.98
CA PRO A 261 10.79 -0.56 -18.33
C PRO A 261 12.01 -0.41 -19.21
N GLY A 262 11.86 -0.73 -20.49
CA GLY A 262 12.91 -0.56 -21.48
C GLY A 262 13.95 -1.67 -21.44
N LYS A 263 15.05 -1.41 -22.13
CA LYS A 263 16.20 -2.31 -22.18
C LYS A 263 17.11 -2.09 -20.97
N MET A 264 18.10 -2.97 -20.82
CA MET A 264 18.92 -3.00 -19.62
C MET A 264 19.51 -1.64 -19.24
N GLU A 265 20.05 -0.92 -20.21
CA GLU A 265 20.73 0.34 -19.92
C GLU A 265 19.85 1.59 -20.11
N ASP A 266 18.54 1.40 -20.28
CA ASP A 266 17.61 2.53 -20.41
C ASP A 266 17.31 3.19 -19.05
N ASP A 267 17.57 4.49 -18.98
CA ASP A 267 17.22 5.33 -17.83
C ASP A 267 15.69 5.45 -17.71
N ILE A 268 15.17 5.22 -16.51
CA ILE A 268 13.73 5.33 -16.23
C ILE A 268 13.11 6.69 -16.64
N ASP A 269 13.88 7.76 -16.49
CA ASP A 269 13.36 9.10 -16.82
C ASP A 269 13.51 9.48 -18.30
N LYS A 270 14.08 8.59 -19.13
CA LYS A 270 14.10 8.76 -20.59
C LYS A 270 13.11 7.82 -21.32
N ILE A 271 12.44 6.95 -20.56
CA ILE A 271 11.42 6.04 -21.09
C ILE A 271 10.27 6.85 -21.70
N LYS A 272 9.94 6.52 -22.95
CA LYS A 272 8.84 7.17 -23.69
C LYS A 272 7.55 6.37 -23.51
N PRO A 273 6.37 7.03 -23.60
CA PRO A 273 5.12 6.29 -23.45
C PRO A 273 4.91 5.14 -24.43
N SER A 274 5.53 5.22 -25.61
CA SER A 274 5.49 4.15 -26.60
C SER A 274 6.44 2.96 -26.36
N GLU A 275 7.27 3.02 -25.31
CA GLU A 275 8.25 1.96 -25.03
C GLU A 275 7.58 0.58 -24.96
N SER A 276 8.06 -0.36 -25.79
CA SER A 276 7.45 -1.68 -25.91
C SER A 276 8.23 -2.78 -25.19
N ASN A 277 9.44 -2.48 -24.70
CA ASN A 277 10.29 -3.49 -24.04
C ASN A 277 10.28 -3.37 -22.53
N VAL A 278 10.55 -4.50 -21.89
CA VAL A 278 10.88 -4.57 -20.46
C VAL A 278 12.10 -5.48 -20.30
N THR A 279 12.74 -5.38 -19.14
CA THR A 279 13.89 -6.19 -18.80
C THR A 279 13.62 -6.84 -17.45
N ILE A 280 13.77 -8.17 -17.39
CA ILE A 280 13.60 -8.94 -16.16
C ILE A 280 14.95 -9.14 -15.48
N LEU A 281 15.09 -8.62 -14.27
CA LEU A 281 16.34 -8.68 -13.51
C LEU A 281 16.36 -9.85 -12.53
N GLY A 282 15.24 -10.50 -12.33
CA GLY A 282 15.18 -11.62 -11.41
C GLY A 282 13.77 -11.99 -11.09
N ARG A 283 13.60 -13.13 -10.45
CA ARG A 283 12.28 -13.54 -10.00
C ARG A 283 12.40 -14.38 -8.75
N PHE A 284 11.62 -14.03 -7.73
CA PHE A 284 11.61 -14.71 -6.45
C PHE A 284 10.40 -15.62 -6.40
N ASP A 285 10.64 -16.92 -6.52
CA ASP A 285 9.55 -17.89 -6.48
C ASP A 285 9.28 -18.36 -5.06
N TYR A 286 8.08 -18.90 -4.87
CA TYR A 286 7.63 -19.40 -3.57
C TYR A 286 6.49 -20.37 -3.87
N SER A 287 5.82 -20.88 -2.83
CA SER A 287 4.80 -21.90 -3.00
C SER A 287 3.50 -21.49 -2.38
N GLN A 288 2.41 -22.07 -2.90
CA GLN A 288 1.07 -21.98 -2.30
C GLN A 288 0.62 -20.55 -2.02
N CYS A 289 0.79 -19.68 -3.01
CA CYS A 289 0.28 -18.30 -2.94
C CYS A 289 -0.28 -17.93 -4.30
N ASP A 290 -1.22 -18.75 -4.76
CA ASP A 290 -1.79 -18.64 -6.10
C ASP A 290 -3.28 -18.28 -6.08
N ILE A 291 -3.74 -17.80 -4.93
CA ILE A 291 -5.04 -17.16 -4.83
C ILE A 291 -4.85 -15.65 -5.07
N TRP A 292 -5.90 -15.00 -5.55
CA TRP A 292 -5.84 -13.55 -5.76
C TRP A 292 -5.78 -12.79 -4.45
N TYR A 293 -5.09 -11.65 -4.47
CA TYR A 293 -5.17 -10.60 -3.44
C TYR A 293 -4.31 -10.92 -2.22
N MET A 294 -3.00 -10.97 -2.48
CA MET A 294 -1.99 -11.23 -1.44
C MET A 294 -0.88 -10.21 -1.63
N ARG A 295 -0.56 -9.49 -0.56
CA ARG A 295 0.41 -8.39 -0.63
CA ARG A 295 0.40 -8.38 -0.63
C ARG A 295 1.76 -8.76 -0.07
N PHE A 296 2.81 -8.22 -0.66
CA PHE A 296 4.15 -8.26 -0.08
C PHE A 296 4.47 -6.86 0.50
N SER A 297 5.43 -6.81 1.43
CA SER A 297 5.85 -5.56 2.06
CA SER A 297 5.84 -5.56 2.07
C SER A 297 7.36 -5.50 2.20
N MET A 298 7.87 -4.29 2.37
CA MET A 298 9.29 -4.05 2.59
C MET A 298 9.47 -3.29 3.88
N ASP A 299 10.66 -3.41 4.46
CA ASP A 299 11.02 -2.59 5.62
C ASP A 299 11.30 -1.15 5.16
N PHE A 300 11.46 -0.25 6.13
CA PHE A 300 11.69 1.17 5.86
C PHE A 300 12.89 1.41 4.91
N TRP A 301 13.98 0.70 5.14
CA TRP A 301 15.22 0.91 4.38
C TRP A 301 15.24 0.18 3.06
N GLN A 302 14.25 -0.68 2.83
CA GLN A 302 14.19 -1.55 1.65
C GLN A 302 15.37 -2.54 1.57
N LYS A 303 15.77 -3.03 2.73
CA LYS A 303 16.74 -4.12 2.84
C LYS A 303 16.07 -5.48 2.75
N MET A 304 14.78 -5.53 3.09
CA MET A 304 14.06 -6.79 3.22
C MET A 304 12.68 -6.75 2.57
N LEU A 305 12.22 -7.93 2.17
CA LEU A 305 10.94 -8.11 1.49
C LEU A 305 10.25 -9.29 2.16
N ALA A 306 8.97 -9.14 2.51
CA ALA A 306 8.21 -10.24 3.11
C ALA A 306 6.89 -10.49 2.38
N LEU A 307 6.52 -11.76 2.28
CA LEU A 307 5.25 -12.20 1.71
C LEU A 307 4.76 -13.42 2.45
N GLY A 308 3.47 -13.43 2.79
CA GLY A 308 2.86 -14.62 3.35
C GLY A 308 2.12 -15.38 2.27
N ASN A 309 1.92 -16.68 2.49
CA ASN A 309 1.18 -17.51 1.54
C ASN A 309 -0.19 -17.96 2.08
N GLN A 310 -0.91 -18.74 1.29
CA GLN A 310 -2.31 -19.06 1.61
C GLN A 310 -2.47 -20.14 2.68
N VAL A 311 -1.37 -20.71 3.15
CA VAL A 311 -1.38 -21.71 4.22
C VAL A 311 -0.52 -21.28 5.43
N GLY A 312 -0.29 -19.98 5.57
CA GLY A 312 0.33 -19.41 6.76
C GLY A 312 1.84 -19.42 6.85
N LYS A 313 2.52 -19.65 5.73
CA LYS A 313 3.99 -19.61 5.69
C LYS A 313 4.47 -18.20 5.28
N LEU A 314 5.53 -17.74 5.93
CA LEU A 314 6.16 -16.46 5.59
C LEU A 314 7.45 -16.67 4.82
N TYR A 315 7.63 -15.89 3.76
CA TYR A 315 8.91 -15.81 3.04
C TYR A 315 9.49 -14.42 3.27
N VAL A 316 10.78 -14.36 3.58
CA VAL A 316 11.50 -13.12 3.77
C VAL A 316 12.76 -13.14 2.92
N TRP A 317 12.92 -12.14 2.05
CA TRP A 317 14.11 -12.03 1.21
C TRP A 317 14.99 -10.88 1.68
N ASP A 318 16.27 -11.18 1.82
CA ASP A 318 17.32 -10.20 2.09
C ASP A 318 17.78 -9.62 0.74
N LEU A 319 17.51 -8.33 0.52
CA LEU A 319 17.86 -7.64 -0.72
C LEU A 319 19.17 -6.86 -0.64
N GLU A 320 19.91 -7.01 0.46
CA GLU A 320 21.21 -6.38 0.65
C GLU A 320 22.30 -7.23 -0.02
N VAL A 321 22.20 -7.27 -1.35
CA VAL A 321 23.08 -8.06 -2.22
C VAL A 321 23.29 -7.23 -3.47
N GLU A 322 24.30 -7.55 -4.26
CA GLU A 322 24.74 -6.69 -5.36
C GLU A 322 23.76 -6.55 -6.53
N ASP A 323 22.94 -7.58 -6.76
CA ASP A 323 21.97 -7.59 -7.85
C ASP A 323 20.69 -8.26 -7.36
N PRO A 324 19.53 -7.87 -7.92
CA PRO A 324 18.26 -8.39 -7.40
C PRO A 324 18.15 -9.92 -7.37
N HIS A 325 18.66 -10.60 -8.40
CA HIS A 325 18.54 -12.06 -8.46
C HIS A 325 19.38 -12.82 -7.42
N LYS A 326 20.24 -12.12 -6.69
CA LYS A 326 21.06 -12.72 -5.64
C LYS A 326 20.37 -12.69 -4.27
N ALA A 327 19.12 -12.24 -4.20
CA ALA A 327 18.40 -12.14 -2.93
C ALA A 327 18.40 -13.47 -2.17
N LYS A 328 18.56 -13.38 -0.85
CA LYS A 328 18.64 -14.54 0.03
C LYS A 328 17.32 -14.74 0.76
N CYS A 329 16.72 -15.91 0.59
CA CYS A 329 15.41 -16.20 1.16
C CYS A 329 15.50 -16.96 2.47
N THR A 330 14.66 -16.57 3.43
CA THR A 330 14.44 -17.34 4.65
C THR A 330 12.95 -17.52 4.83
N THR A 331 12.56 -18.62 5.47
CA THR A 331 11.16 -18.94 5.63
C THR A 331 10.83 -19.11 7.11
N LEU A 332 9.62 -18.70 7.48
CA LEU A 332 9.15 -18.72 8.87
C LEU A 332 7.79 -19.43 8.91
N THR A 333 7.71 -20.48 9.73
CA THR A 333 6.45 -21.20 9.92
C THR A 333 6.23 -21.45 11.40
N HIS A 334 4.97 -21.63 11.76
CA HIS A 334 4.55 -22.02 13.10
C HIS A 334 3.41 -23.02 12.93
N HIS A 335 3.43 -24.10 13.70
CA HIS A 335 2.44 -25.19 13.52
C HIS A 335 0.97 -24.79 13.69
N LYS A 336 0.71 -23.71 14.44
CA LYS A 336 -0.64 -23.18 14.65
C LYS A 336 -1.08 -22.13 13.62
N CYS A 337 -0.16 -21.67 12.77
CA CYS A 337 -0.44 -20.62 11.79
C CYS A 337 -0.66 -21.28 10.44
N GLY A 338 -1.92 -21.52 10.10
CA GLY A 338 -2.31 -22.21 8.87
C GLY A 338 -3.22 -21.47 7.91
N ALA A 339 -3.60 -20.23 8.25
CA ALA A 339 -4.54 -19.44 7.45
C ALA A 339 -3.78 -18.51 6.51
N ALA A 340 -4.47 -18.06 5.45
CA ALA A 340 -3.84 -17.23 4.43
C ALA A 340 -3.41 -15.90 5.01
N ILE A 341 -2.18 -15.50 4.72
CA ILE A 341 -1.63 -14.23 5.19
C ILE A 341 -1.78 -13.21 4.08
N ARG A 342 -2.67 -12.23 4.28
CA ARG A 342 -3.01 -11.23 3.27
C ARG A 342 -1.98 -10.11 3.20
N GLN A 343 -1.43 -9.73 4.34
CA GLN A 343 -0.40 -8.69 4.40
C GLN A 343 0.48 -8.86 5.62
N THR A 344 1.70 -8.32 5.50
CA THR A 344 2.68 -8.23 6.56
C THR A 344 3.14 -6.78 6.74
N SER A 345 3.71 -6.47 7.89
CA SER A 345 4.33 -5.17 8.15
C SER A 345 5.54 -5.31 9.07
N PHE A 346 6.66 -4.71 8.65
CA PHE A 346 7.82 -4.55 9.53
C PHE A 346 7.70 -3.29 10.35
N SER A 347 8.16 -3.35 11.61
CA SER A 347 8.38 -2.14 12.39
C SER A 347 9.46 -1.33 11.67
N ARG A 348 9.54 -0.05 11.98
CA ARG A 348 10.48 0.85 11.30
C ARG A 348 11.94 0.45 11.52
N ASP A 349 12.27 -0.03 12.72
CA ASP A 349 13.62 -0.57 13.02
C ASP A 349 13.86 -2.02 12.54
N SER A 350 12.82 -2.65 11.97
CA SER A 350 12.89 -3.99 11.39
C SER A 350 12.96 -5.13 12.43
N SER A 351 12.73 -4.80 13.70
CA SER A 351 12.86 -5.77 14.80
C SER A 351 11.62 -6.63 14.98
N ILE A 352 10.50 -6.19 14.43
CA ILE A 352 9.24 -6.92 14.52
C ILE A 352 8.60 -7.04 13.14
N LEU A 353 8.08 -8.21 12.86
CA LEU A 353 7.27 -8.49 11.66
C LEU A 353 5.92 -9.01 12.12
N ILE A 354 4.85 -8.32 11.69
CA ILE A 354 3.49 -8.76 11.96
C ILE A 354 2.88 -9.31 10.68
N ALA A 355 2.18 -10.45 10.79
CA ALA A 355 1.41 -11.04 9.71
C ALA A 355 -0.05 -11.12 10.13
N VAL A 356 -0.97 -10.83 9.21
CA VAL A 356 -2.41 -10.92 9.48
C VAL A 356 -3.10 -11.81 8.46
N CYS A 357 -4.18 -12.46 8.89
CA CYS A 357 -4.73 -13.64 8.21
C CYS A 357 -6.22 -13.62 7.94
N ASP A 358 -6.62 -14.53 7.06
CA ASP A 358 -8.03 -14.72 6.66
C ASP A 358 -8.97 -15.15 7.78
N ASP A 359 -8.42 -15.76 8.83
CA ASP A 359 -9.22 -16.17 10.00
C ASP A 359 -9.20 -15.12 11.12
N ALA A 360 -8.81 -13.88 10.80
CA ALA A 360 -8.70 -12.76 11.74
C ALA A 360 -7.57 -12.88 12.77
N SER A 361 -6.60 -13.77 12.50
CA SER A 361 -5.48 -13.95 13.40
C SER A 361 -4.32 -13.00 13.04
N ILE A 362 -3.51 -12.72 14.05
CA ILE A 362 -2.40 -11.78 14.00
C ILE A 362 -1.21 -12.50 14.62
N TRP A 363 -0.07 -12.48 13.93
CA TRP A 363 1.13 -13.22 14.33
C TRP A 363 2.30 -12.26 14.43
N ARG A 364 2.99 -12.30 15.56
CA ARG A 364 4.11 -11.44 15.84
C ARG A 364 5.42 -12.22 15.85
N TRP A 365 6.36 -11.76 15.03
CA TRP A 365 7.68 -12.35 14.90
C TRP A 365 8.72 -11.30 15.29
N ASP A 366 9.61 -11.64 16.22
CA ASP A 366 10.63 -10.70 16.71
C ASP A 366 12.00 -11.20 16.31
N ARG A 367 12.89 -10.28 15.94
CA ARG A 367 14.28 -10.64 15.60
C ARG A 367 15.05 -10.99 16.87
C1 7XG B . -4.01 -7.25 -2.77
C2 7XG B . -13.03 -10.21 -0.46
C3 7XG B . -10.77 -10.88 -0.74
C4 7XG B . -12.76 -9.01 -1.07
C5 7XG B . -10.50 -9.67 -1.37
C6 7XG B . -4.58 -7.68 -1.58
C7 7XG B . -4.68 -6.36 -3.57
C8 7XG B . -13.59 -12.98 0.65
C9 7XG B . -11.43 -13.24 0.97
C10 7XG B . -12.03 -11.16 -0.29
C11 7XG B . -12.34 -12.38 0.39
C12 7XG B . -11.49 -8.72 -1.53
C13 7XG B . -5.84 -7.24 -1.20
C14 7XG B . -6.51 -6.34 -2.01
C15 7XG B . -5.92 -5.92 -3.18
C16 7XG B . -12.46 -15.82 3.42
C17 7XG B . -10.22 -6.60 -1.36
C18 7XG B . -9.26 -6.72 -3.49
C19 7XG B . -11.20 -7.40 -2.21
C20 7XG B . -10.52 -7.55 -3.58
C21 7XG B . -6.35 -7.79 0.10
C22 7XG B . -10.82 -6.87 -5.97
C23 7XG B . -12.55 -8.08 -4.80
C24 7XG B . -7.87 -5.83 -1.64
C25 7XG B . -11.63 -15.40 2.23
N26 7XG B . -13.48 -14.12 1.32
N27 7XG B . -12.16 -14.25 1.52
N28 7XG B . -8.93 -6.76 -2.06
N29 7XG B . -11.96 -16.95 3.99
N30 7XG B . -11.45 -7.10 -4.65
O31 7XG B . -13.46 -15.23 3.82
F32 7XG B . -6.55 -5.06 -4.01
#